data_5Q1M
#
_entry.id   5Q1M
#
_cell.length_a   51.989
_cell.length_b   56.979
_cell.length_c   115.107
_cell.angle_alpha   90.000
_cell.angle_beta   90.000
_cell.angle_gamma   90.000
#
_symmetry.space_group_name_H-M   'P 21 21 21'
#
loop_
_entity.id
_entity.type
_entity.pdbx_description
1 polymer 'DNA cross-link repair 1A protein'
2 non-polymer 'MALONATE ION'
3 non-polymer 'NICKEL (II) ION'
4 non-polymer ~{N}-(4-fluorophenyl)-4-methyl-piperazine-1-carboxamide
5 water water
#
_entity_poly.entity_id   1
_entity_poly.type   'polypeptide(L)'
_entity_poly.pdbx_seq_one_letter_code
;KKTCPFYKKIPGTGFTVDAFQYGVVEGCTAYFLTHFHSDHYAGLSKHFTFPVYCSEITGNLLKNKLHVQEQYIHPLPLDT
ECIVNGVKVVLLDANHCPGAVMILFYLPNGTVILHTGDFRADPSMERSLLADQKVHMLYLDTTYCSPEYTFPSQQEVIRF
AINTAFEAVTLNPHALVVCGTYSIGKEKVFLAIADVLGSKVGMSQEKYKTLQCLNIPEINSLITTDMCSSLVHLLPMMQI
NFKGLQSHLKKCGGKYNQILAFRPTGWTHSNKFTRIADVIPQTKGNISIYGIPYSEHSSYLEMKRFVQWLKPQKIIPTVN
VGTWKSRSTMEKYFREWKLEAGY
;
_entity_poly.pdbx_strand_id   A
#
loop_
_chem_comp.id
_chem_comp.type
_chem_comp.name
_chem_comp.formula
AWD non-polymer ~{N}-(4-fluorophenyl)-4-methyl-piperazine-1-carboxamide 'C12 H16 F N3 O'
MLI non-polymer 'MALONATE ION' 'C3 H2 O4 -2'
NI non-polymer 'NICKEL (II) ION' 'Ni 2'
#
# COMPACT_ATOMS: atom_id res chain seq x y z
N THR A 3 4.36 25.04 0.96
CA THR A 3 3.75 25.23 -0.40
C THR A 3 3.73 23.95 -1.24
N CYS A 4 2.66 23.78 -1.98
CA CYS A 4 2.42 22.54 -2.71
C CYS A 4 3.37 22.37 -3.91
N PRO A 5 4.08 21.23 -4.01
CA PRO A 5 5.03 21.03 -5.11
C PRO A 5 4.33 20.68 -6.43
N PHE A 6 5.04 20.95 -7.54
CA PHE A 6 4.45 20.90 -8.90
C PHE A 6 3.89 19.52 -9.27
N TYR A 7 4.59 18.47 -8.85
CA TYR A 7 4.20 17.09 -9.16
C TYR A 7 2.94 16.59 -8.41
N LYS A 8 2.35 17.43 -7.54
CA LYS A 8 1.05 17.14 -6.93
C LYS A 8 -0.11 17.95 -7.54
N LYS A 9 0.18 18.73 -8.59
CA LYS A 9 -0.84 19.52 -9.27
C LYS A 9 -1.12 18.92 -10.64
N ILE A 10 -2.40 18.90 -11.01
CA ILE A 10 -2.85 18.40 -12.33
C ILE A 10 -3.22 19.62 -13.23
N PRO A 11 -2.41 19.90 -14.25
CA PRO A 11 -2.59 21.19 -14.98
C PRO A 11 -3.94 21.35 -15.72
N GLY A 12 -4.43 22.58 -15.76
N GLY A 12 -4.57 22.51 -15.53
CA GLY A 12 -5.64 22.92 -16.50
CA GLY A 12 -5.80 22.87 -16.22
C GLY A 12 -6.91 22.48 -15.79
C GLY A 12 -7.07 22.24 -15.69
N THR A 13 -6.81 22.29 -14.48
N THR A 13 -7.04 21.70 -14.47
CA THR A 13 -7.93 21.92 -13.62
CA THR A 13 -8.19 21.00 -13.87
C THR A 13 -7.75 22.60 -12.28
C THR A 13 -8.71 21.55 -12.53
N GLY A 14 -8.75 22.43 -11.41
N GLY A 14 -7.87 22.34 -11.85
CA GLY A 14 -8.63 22.81 -10.00
CA GLY A 14 -8.14 22.72 -10.47
C GLY A 14 -8.32 21.62 -9.11
C GLY A 14 -7.93 21.59 -9.48
N PHE A 15 -7.48 20.69 -9.57
N PHE A 15 -7.28 20.50 -9.86
CA PHE A 15 -7.23 19.44 -8.83
CA PHE A 15 -7.18 19.34 -8.96
C PHE A 15 -5.80 19.33 -8.31
C PHE A 15 -5.77 19.19 -8.38
N THR A 16 -5.67 18.78 -7.11
CA THR A 16 -4.40 18.29 -6.55
C THR A 16 -4.57 16.82 -6.15
N VAL A 17 -3.43 16.15 -5.97
CA VAL A 17 -3.39 14.73 -5.57
C VAL A 17 -2.46 14.60 -4.33
N ASP A 18 -3.01 14.07 -3.23
CA ASP A 18 -2.27 13.77 -1.99
C ASP A 18 -1.56 15.02 -1.44
N ALA A 19 -2.31 16.12 -1.39
CA ALA A 19 -1.78 17.45 -1.11
C ALA A 19 -2.57 18.13 0.02
N PHE A 20 -2.52 17.54 1.22
CA PHE A 20 -3.31 18.01 2.38
C PHE A 20 -2.46 18.71 3.46
N GLN A 21 -1.14 18.83 3.25
CA GLN A 21 -0.20 19.34 4.30
C GLN A 21 0.34 20.74 3.99
N TYR A 22 -0.29 21.41 3.03
CA TYR A 22 0.19 22.69 2.51
C TYR A 22 -0.80 23.82 2.74
N GLY A 23 -1.76 23.62 3.66
CA GLY A 23 -2.86 24.56 3.84
C GLY A 23 -3.79 24.63 2.64
N VAL A 24 -4.38 25.80 2.41
CA VAL A 24 -5.29 26.02 1.28
C VAL A 24 -4.45 26.24 0.03
N VAL A 25 -4.52 25.33 -0.94
CA VAL A 25 -3.70 25.42 -2.16
C VAL A 25 -4.39 26.38 -3.14
N GLU A 26 -3.69 27.42 -3.58
CA GLU A 26 -4.27 28.43 -4.48
C GLU A 26 -4.72 27.76 -5.79
N GLY A 27 -6.02 27.90 -6.07
CA GLY A 27 -6.63 27.40 -7.29
C GLY A 27 -7.23 26.00 -7.21
N CYS A 28 -7.15 25.34 -6.05
CA CYS A 28 -7.64 23.97 -5.91
C CYS A 28 -9.10 23.92 -5.50
N THR A 29 -9.94 23.40 -6.40
CA THR A 29 -11.38 23.22 -6.18
C THR A 29 -11.76 21.81 -5.68
N ALA A 30 -10.86 20.85 -5.85
CA ALA A 30 -11.08 19.47 -5.37
C ALA A 30 -9.75 18.79 -5.08
N TYR A 31 -9.69 18.13 -3.92
CA TYR A 31 -8.48 17.44 -3.43
C TYR A 31 -8.71 15.92 -3.55
N PHE A 32 -7.94 15.26 -4.40
CA PHE A 32 -7.96 13.79 -4.50
C PHE A 32 -7.01 13.13 -3.49
N LEU A 33 -7.44 12.01 -2.89
CA LEU A 33 -6.61 11.20 -2.00
C LEU A 33 -6.52 9.77 -2.57
N THR A 34 -5.33 9.34 -2.98
CA THR A 34 -5.15 8.02 -3.62
C THR A 34 -5.34 6.84 -2.65
N HIS A 35 -4.91 7.01 -1.40
CA HIS A 35 -4.97 5.91 -0.41
C HIS A 35 -4.71 6.40 1.00
N PHE A 36 -5.13 5.60 1.98
CA PHE A 36 -4.99 5.94 3.41
C PHE A 36 -3.65 5.51 4.04
N HIS A 37 -2.56 6.12 3.57
CA HIS A 37 -1.22 6.04 4.21
C HIS A 37 -0.81 7.45 4.64
N SER A 38 -0.14 7.52 5.79
CA SER A 38 0.02 8.81 6.49
C SER A 38 0.82 9.86 5.71
N ASP A 39 1.84 9.46 4.95
CA ASP A 39 2.59 10.44 4.12
C ASP A 39 1.68 11.12 3.08
N HIS A 40 0.60 10.42 2.68
CA HIS A 40 -0.34 10.92 1.69
C HIS A 40 -1.52 11.69 2.26
N TYR A 41 -2.07 11.24 3.38
CA TYR A 41 -3.18 11.99 4.02
C TYR A 41 -2.77 13.12 4.96
N ALA A 42 -1.46 13.26 5.22
CA ALA A 42 -0.96 14.23 6.22
C ALA A 42 -1.64 15.59 6.09
N GLY A 43 -2.35 16.00 7.15
CA GLY A 43 -3.10 17.27 7.15
C GLY A 43 -4.61 17.19 7.28
N LEU A 44 -5.24 16.10 6.85
CA LEU A 44 -6.72 15.93 7.00
C LEU A 44 -7.22 15.72 8.45
N SER A 45 -8.39 16.30 8.77
CA SER A 45 -9.04 16.22 10.09
C SER A 45 -10.52 16.60 10.02
N LYS A 46 -11.22 16.57 11.17
CA LYS A 46 -12.62 17.05 11.27
C LYS A 46 -12.83 18.50 10.86
N HIS A 47 -11.75 19.27 10.80
CA HIS A 47 -11.81 20.69 10.44
C HIS A 47 -11.62 20.99 8.95
N PHE A 48 -11.36 19.96 8.13
CA PHE A 48 -11.20 20.14 6.68
C PHE A 48 -12.57 20.43 6.05
N THR A 49 -12.68 21.50 5.25
CA THR A 49 -13.98 21.90 4.65
C THR A 49 -13.95 22.10 3.12
N PHE A 50 -13.05 21.40 2.41
CA PHE A 50 -13.06 21.33 0.93
C PHE A 50 -13.44 19.92 0.48
N PRO A 51 -13.91 19.77 -0.79
CA PRO A 51 -14.29 18.46 -1.28
C PRO A 51 -13.11 17.49 -1.41
N VAL A 52 -13.28 16.26 -0.90
CA VAL A 52 -12.26 15.21 -1.01
C VAL A 52 -12.82 14.09 -1.85
N TYR A 53 -12.09 13.71 -2.90
CA TYR A 53 -12.48 12.61 -3.80
C TYR A 53 -11.56 11.41 -3.59
N CYS A 54 -12.17 10.23 -3.49
CA CYS A 54 -11.44 8.99 -3.09
C CYS A 54 -12.32 7.75 -3.30
N SER A 55 -11.75 6.56 -3.05
CA SER A 55 -12.53 5.33 -3.05
C SER A 55 -13.47 5.24 -1.85
N GLU A 56 -14.43 4.32 -1.93
CA GLU A 56 -15.36 4.03 -0.81
C GLU A 56 -14.58 3.62 0.47
N ILE A 57 -13.60 2.73 0.33
CA ILE A 57 -12.81 2.29 1.49
C ILE A 57 -12.03 3.43 2.13
N THR A 58 -11.34 4.23 1.30
CA THR A 58 -10.65 5.42 1.83
C THR A 58 -11.64 6.36 2.53
N GLY A 59 -12.82 6.55 1.94
CA GLY A 59 -13.86 7.37 2.57
C GLY A 59 -14.29 6.86 3.95
N ASN A 60 -14.44 5.54 4.10
CA ASN A 60 -14.77 4.93 5.40
C ASN A 60 -13.72 5.27 6.43
N LEU A 61 -12.43 5.24 6.04
CA LEU A 61 -11.34 5.53 6.96
C LEU A 61 -11.25 7.02 7.33
N LEU A 62 -11.48 7.89 6.34
CA LEU A 62 -11.55 9.34 6.60
C LEU A 62 -12.63 9.67 7.64
N LYS A 63 -13.81 9.08 7.45
CA LYS A 63 -14.96 9.35 8.34
C LYS A 63 -14.71 8.84 9.76
N ASN A 64 -14.27 7.58 9.87
CA ASN A 64 -14.20 6.92 11.19
C ASN A 64 -12.88 7.07 11.94
N LYS A 65 -11.77 7.19 11.22
CA LYS A 65 -10.46 7.31 11.87
C LYS A 65 -9.99 8.74 12.02
N LEU A 66 -10.22 9.58 11.01
CA LEU A 66 -9.82 11.00 11.06
C LEU A 66 -10.97 11.97 11.39
N HIS A 67 -12.20 11.44 11.48
N HIS A 67 -12.20 11.47 11.43
CA HIS A 67 -13.46 12.21 11.70
CA HIS A 67 -13.34 12.28 11.84
C HIS A 67 -13.73 13.38 10.78
C HIS A 67 -13.69 13.39 10.82
N VAL A 68 -13.40 13.18 9.52
CA VAL A 68 -13.75 14.13 8.45
C VAL A 68 -15.28 14.10 8.31
N GLN A 69 -15.89 15.28 8.18
CA GLN A 69 -17.35 15.34 8.09
C GLN A 69 -17.84 14.77 6.78
N GLU A 70 -18.93 14.01 6.88
CA GLU A 70 -19.56 13.29 5.78
C GLU A 70 -19.87 14.16 4.56
N GLN A 71 -20.28 15.40 4.80
CA GLN A 71 -20.61 16.36 3.70
C GLN A 71 -19.45 16.69 2.74
N TYR A 72 -18.20 16.49 3.16
CA TYR A 72 -17.03 16.76 2.34
C TYR A 72 -16.40 15.51 1.72
N ILE A 73 -16.92 14.32 2.03
CA ILE A 73 -16.35 13.07 1.51
C ILE A 73 -17.13 12.64 0.25
N HIS A 74 -16.43 12.55 -0.89
CA HIS A 74 -17.04 12.13 -2.16
C HIS A 74 -16.43 10.80 -2.66
N PRO A 75 -17.00 9.65 -2.22
CA PRO A 75 -16.53 8.37 -2.72
C PRO A 75 -16.97 8.15 -4.17
N LEU A 76 -16.09 7.57 -4.99
CA LEU A 76 -16.42 7.23 -6.37
C LEU A 76 -16.22 5.74 -6.58
N PRO A 77 -17.11 5.09 -7.34
CA PRO A 77 -16.92 3.68 -7.69
C PRO A 77 -15.71 3.51 -8.60
N LEU A 78 -15.11 2.33 -8.58
CA LEU A 78 -14.01 2.00 -9.50
C LEU A 78 -14.53 1.68 -10.90
N ASP A 79 -13.63 1.80 -11.87
CA ASP A 79 -13.86 1.38 -13.24
C ASP A 79 -15.06 2.05 -13.89
N THR A 80 -15.34 3.29 -13.49
CA THR A 80 -16.57 4.02 -13.91
C THR A 80 -16.23 5.48 -14.27
N GLU A 81 -16.61 5.92 -15.47
CA GLU A 81 -16.42 7.31 -15.89
C GLU A 81 -17.32 8.22 -15.04
N CYS A 82 -16.70 9.19 -14.37
CA CYS A 82 -17.39 10.16 -13.49
C CYS A 82 -17.01 11.58 -13.90
N ILE A 83 -17.95 12.53 -13.82
CA ILE A 83 -17.63 13.94 -14.07
C ILE A 83 -17.49 14.67 -12.72
N VAL A 84 -16.32 15.25 -12.50
CA VAL A 84 -16.01 16.03 -11.29
C VAL A 84 -15.63 17.47 -11.70
N ASN A 85 -16.41 18.45 -11.24
CA ASN A 85 -16.16 19.87 -11.56
C ASN A 85 -15.83 20.08 -13.05
N GLY A 86 -16.63 19.44 -13.89
CA GLY A 86 -16.52 19.56 -15.34
C GLY A 86 -15.45 18.76 -16.05
N VAL A 87 -14.77 17.83 -15.35
CA VAL A 87 -13.68 17.04 -15.91
C VAL A 87 -13.98 15.54 -15.69
N LYS A 88 -13.88 14.75 -16.76
CA LYS A 88 -14.02 13.28 -16.68
C LYS A 88 -12.81 12.63 -16.00
N VAL A 89 -13.11 11.80 -14.99
CA VAL A 89 -12.11 11.00 -14.26
C VAL A 89 -12.55 9.54 -14.12
N VAL A 90 -11.56 8.66 -13.91
CA VAL A 90 -11.80 7.24 -13.61
C VAL A 90 -10.85 6.82 -12.48
N LEU A 91 -11.37 6.09 -11.49
CA LEU A 91 -10.51 5.45 -10.47
C LEU A 91 -10.29 3.97 -10.86
N LEU A 92 -9.04 3.50 -10.75
CA LEU A 92 -8.65 2.12 -11.05
C LEU A 92 -7.94 1.51 -9.82
N ASP A 93 -8.10 0.21 -9.59
CA ASP A 93 -7.40 -0.45 -8.48
C ASP A 93 -5.86 -0.37 -8.68
N ALA A 94 -5.16 0.04 -7.63
CA ALA A 94 -3.69 0.24 -7.68
C ALA A 94 -2.89 -1.00 -7.23
N ASN A 95 -3.58 -2.05 -6.80
CA ASN A 95 -2.88 -3.26 -6.24
C ASN A 95 -1.81 -2.83 -5.21
N HIS A 96 -2.22 -1.94 -4.31
CA HIS A 96 -1.36 -1.46 -3.19
C HIS A 96 -2.03 -1.95 -1.89
N CYS A 97 -2.54 -1.07 -1.02
CA CYS A 97 -3.26 -1.45 0.20
C CYS A 97 -4.76 -1.35 -0.08
N PRO A 98 -5.61 -1.79 0.88
CA PRO A 98 -7.06 -1.70 0.62
C PRO A 98 -7.52 -0.25 0.35
N GLY A 99 -8.35 -0.08 -0.68
CA GLY A 99 -8.86 1.24 -1.06
C GLY A 99 -7.96 2.12 -1.93
N ALA A 100 -6.73 1.66 -2.21
CA ALA A 100 -5.76 2.43 -3.01
C ALA A 100 -6.14 2.43 -4.47
N VAL A 101 -6.08 3.62 -5.07
CA VAL A 101 -6.44 3.79 -6.48
C VAL A 101 -5.37 4.54 -7.28
N MET A 102 -5.39 4.29 -8.60
CA MET A 102 -4.79 5.16 -9.61
C MET A 102 -5.95 6.03 -10.17
N ILE A 103 -5.60 7.21 -10.70
CA ILE A 103 -6.59 8.14 -11.23
C ILE A 103 -6.24 8.53 -12.68
N LEU A 104 -7.21 8.34 -13.57
CA LEU A 104 -7.13 8.77 -14.98
C LEU A 104 -7.89 10.09 -15.10
N PHE A 105 -7.23 11.12 -15.63
CA PHE A 105 -7.84 12.45 -15.83
C PHE A 105 -7.88 12.75 -17.33
N TYR A 106 -9.09 13.10 -17.82
CA TYR A 106 -9.31 13.46 -19.23
C TYR A 106 -9.38 14.99 -19.30
N LEU A 107 -8.26 15.64 -19.57
CA LEU A 107 -8.19 17.10 -19.52
C LEU A 107 -9.07 17.74 -20.61
N PRO A 108 -9.63 18.94 -20.34
CA PRO A 108 -10.45 19.62 -21.33
C PRO A 108 -9.76 19.81 -22.69
N ASN A 109 -8.45 20.02 -22.71
CA ASN A 109 -7.71 20.21 -23.98
C ASN A 109 -7.40 18.93 -24.80
N GLY A 110 -7.78 17.74 -24.32
CA GLY A 110 -7.56 16.46 -25.01
C GLY A 110 -6.39 15.63 -24.46
N THR A 111 -5.61 16.20 -23.57
CA THR A 111 -4.52 15.49 -22.90
C THR A 111 -5.13 14.46 -21.92
N VAL A 112 -4.46 13.33 -21.75
CA VAL A 112 -4.88 12.27 -20.82
C VAL A 112 -3.69 12.01 -19.86
N ILE A 113 -3.97 12.09 -18.56
CA ILE A 113 -2.98 11.89 -17.51
C ILE A 113 -3.37 10.69 -16.66
N LEU A 114 -2.41 9.79 -16.41
CA LEU A 114 -2.53 8.73 -15.39
C LEU A 114 -1.65 9.04 -14.19
N HIS A 115 -2.26 9.09 -13.00
CA HIS A 115 -1.53 9.22 -11.74
C HIS A 115 -1.64 7.86 -11.02
N THR A 116 -0.50 7.18 -10.82
CA THR A 116 -0.56 5.81 -10.26
C THR A 116 -0.80 5.77 -8.74
N GLY A 117 -0.70 6.90 -8.04
CA GLY A 117 -0.60 6.89 -6.58
C GLY A 117 0.56 5.98 -6.23
N ASP A 118 0.43 5.24 -5.14
CA ASP A 118 1.32 4.10 -4.86
C ASP A 118 0.70 2.86 -5.53
N PHE A 119 1.51 2.05 -6.22
CA PHE A 119 0.99 0.85 -6.94
C PHE A 119 2.00 -0.28 -7.00
N ARG A 120 1.51 -1.51 -7.15
CA ARG A 120 2.33 -2.65 -7.55
C ARG A 120 1.85 -3.10 -8.93
N ALA A 121 2.60 -2.66 -9.95
CA ALA A 121 2.25 -2.96 -11.34
C ALA A 121 2.00 -4.45 -11.56
N ASP A 122 0.96 -4.76 -12.34
CA ASP A 122 0.64 -6.15 -12.66
C ASP A 122 0.17 -6.24 -14.11
N PRO A 123 0.42 -7.39 -14.78
CA PRO A 123 -0.11 -7.56 -16.17
C PRO A 123 -1.64 -7.43 -16.30
N SER A 124 -2.40 -7.74 -15.23
CA SER A 124 -3.86 -7.53 -15.23
C SER A 124 -4.30 -6.07 -15.51
N MET A 125 -3.43 -5.10 -15.21
CA MET A 125 -3.71 -3.68 -15.52
C MET A 125 -3.74 -3.39 -17.02
N GLU A 126 -3.12 -4.25 -17.82
CA GLU A 126 -3.08 -4.09 -19.28
C GLU A 126 -4.47 -4.40 -19.90
N ARG A 127 -5.41 -4.91 -19.10
CA ARG A 127 -6.81 -5.17 -19.50
C ARG A 127 -7.86 -4.45 -18.67
N SER A 128 -7.46 -3.38 -18.02
CA SER A 128 -8.40 -2.43 -17.44
C SER A 128 -8.90 -1.48 -18.54
N LEU A 129 -9.61 -0.42 -18.13
CA LEU A 129 -9.95 0.71 -19.00
C LEU A 129 -8.72 1.44 -19.61
N LEU A 130 -7.51 1.19 -19.11
CA LEU A 130 -6.27 1.65 -19.76
C LEU A 130 -6.02 1.13 -21.18
N ALA A 131 -6.60 -0.01 -21.53
CA ALA A 131 -6.36 -0.65 -22.82
C ALA A 131 -6.75 0.25 -24.01
N ASP A 132 -7.83 1.00 -23.83
CA ASP A 132 -8.36 1.87 -24.88
C ASP A 132 -7.34 2.87 -25.41
N GLN A 133 -7.05 3.87 -24.59
CA GLN A 133 -6.57 5.12 -25.13
C GLN A 133 -5.17 5.46 -24.67
N LYS A 134 -4.69 6.47 -25.35
CA LYS A 134 -3.38 6.97 -25.23
C LYS A 134 -3.30 7.75 -23.92
N VAL A 135 -2.17 7.61 -23.23
CA VAL A 135 -1.85 8.40 -22.06
C VAL A 135 -0.66 9.27 -22.39
N HIS A 136 -0.83 10.58 -22.26
CA HIS A 136 0.24 11.54 -22.57
C HIS A 136 1.26 11.70 -21.46
N MET A 137 0.76 11.87 -20.22
CA MET A 137 1.63 12.07 -19.05
C MET A 137 1.34 11.02 -17.96
N LEU A 138 2.41 10.45 -17.38
CA LEU A 138 2.34 9.43 -16.32
C LEU A 138 3.01 9.95 -15.05
N TYR A 139 2.27 10.07 -13.94
CA TYR A 139 2.83 10.45 -12.67
C TYR A 139 3.07 9.12 -11.93
N LEU A 140 4.33 8.72 -11.82
CA LEU A 140 4.73 7.33 -11.54
C LEU A 140 5.33 7.11 -10.13
N ASP A 141 4.79 6.11 -9.44
CA ASP A 141 5.39 5.57 -8.19
C ASP A 141 6.70 4.86 -8.53
N THR A 142 7.81 5.57 -8.28
CA THR A 142 9.15 5.11 -8.58
C THR A 142 9.92 4.62 -7.35
N THR A 143 9.20 4.18 -6.30
CA THR A 143 9.83 3.69 -5.04
C THR A 143 11.06 2.80 -5.27
N TYR A 144 10.90 1.77 -6.12
CA TYR A 144 11.95 0.79 -6.40
C TYR A 144 12.47 0.82 -7.86
N CYS A 145 12.68 2.03 -8.39
CA CYS A 145 13.15 2.21 -9.76
C CYS A 145 14.69 2.08 -9.86
N SER A 146 15.19 0.85 -9.64
CA SER A 146 16.60 0.50 -9.86
C SER A 146 16.68 -1.04 -9.93
N PRO A 147 17.48 -1.59 -10.85
CA PRO A 147 17.46 -3.06 -11.05
C PRO A 147 17.84 -3.95 -9.86
N GLU A 148 18.52 -3.40 -8.85
CA GLU A 148 18.82 -4.16 -7.63
C GLU A 148 17.57 -4.55 -6.84
N TYR A 149 16.45 -3.89 -7.09
CA TYR A 149 15.23 -4.15 -6.36
C TYR A 149 14.44 -5.31 -6.97
N THR A 150 14.73 -6.50 -6.45
CA THR A 150 14.05 -7.73 -6.77
C THR A 150 13.40 -8.24 -5.49
N PHE A 151 12.25 -8.87 -5.65
CA PHE A 151 11.60 -9.60 -4.57
C PHE A 151 10.58 -10.60 -5.18
N PRO A 152 10.12 -11.59 -4.39
CA PRO A 152 9.20 -12.60 -4.93
C PRO A 152 7.78 -12.10 -5.12
N SER A 153 6.95 -12.92 -5.75
CA SER A 153 5.53 -12.62 -5.79
C SER A 153 4.94 -12.65 -4.37
N GLN A 154 3.85 -11.92 -4.18
CA GLN A 154 3.11 -11.99 -2.91
C GLN A 154 2.65 -13.42 -2.61
N GLN A 155 2.19 -14.16 -3.64
CA GLN A 155 1.75 -15.56 -3.49
C GLN A 155 2.88 -16.43 -2.90
N GLU A 156 4.11 -16.32 -3.42
CA GLU A 156 5.25 -17.15 -2.93
C GLU A 156 5.56 -16.80 -1.46
N VAL A 157 5.48 -15.52 -1.11
CA VAL A 157 5.78 -15.07 0.27
C VAL A 157 4.74 -15.58 1.25
N ILE A 158 3.46 -15.58 0.82
CA ILE A 158 2.38 -16.11 1.67
C ILE A 158 2.51 -17.63 1.82
N ARG A 159 2.85 -18.34 0.74
CA ARG A 159 3.11 -19.79 0.86
C ARG A 159 4.17 -20.08 1.93
N PHE A 160 5.27 -19.33 1.89
CA PHE A 160 6.35 -19.48 2.89
C PHE A 160 5.84 -19.26 4.32
N ALA A 161 5.09 -18.17 4.52
CA ALA A 161 4.59 -17.82 5.86
C ALA A 161 3.59 -18.88 6.42
N ILE A 162 2.63 -19.30 5.58
CA ILE A 162 1.65 -20.37 5.94
C ILE A 162 2.37 -21.64 6.35
N ASN A 163 3.31 -22.08 5.51
CA ASN A 163 4.00 -23.40 5.73
C ASN A 163 4.86 -23.33 7.02
N THR A 164 5.57 -22.22 7.20
CA THR A 164 6.38 -21.96 8.40
C THR A 164 5.56 -21.97 9.70
N ALA A 165 4.46 -21.21 9.72
CA ALA A 165 3.58 -21.14 10.88
C ALA A 165 2.93 -22.49 11.21
N PHE A 166 2.38 -23.15 10.18
CA PHE A 166 1.73 -24.44 10.38
C PHE A 166 2.71 -25.49 10.93
N GLU A 167 3.92 -25.56 10.35
CA GLU A 167 4.94 -26.50 10.87
C GLU A 167 5.24 -26.24 12.35
N ALA A 168 5.53 -24.98 12.69
CA ALA A 168 5.91 -24.61 14.05
C ALA A 168 4.86 -24.93 15.12
N VAL A 169 3.60 -24.64 14.83
CA VAL A 169 2.50 -24.83 15.78
C VAL A 169 2.07 -26.32 15.86
N THR A 170 2.23 -27.06 14.76
CA THR A 170 1.97 -28.52 14.77
C THR A 170 3.04 -29.24 15.58
N LEU A 171 4.31 -28.83 15.45
CA LEU A 171 5.38 -29.34 16.33
C LEU A 171 5.18 -28.95 17.80
N ASN A 172 4.79 -27.68 18.05
CA ASN A 172 4.52 -27.18 19.41
C ASN A 172 3.17 -26.48 19.53
N PRO A 173 2.10 -27.21 19.94
CA PRO A 173 0.77 -26.57 20.08
C PRO A 173 0.67 -25.41 21.09
N HIS A 174 1.69 -25.28 21.92
CA HIS A 174 1.84 -24.13 22.83
C HIS A 174 2.64 -22.92 22.31
N ALA A 175 2.96 -22.89 21.02
CA ALA A 175 3.56 -21.71 20.38
C ALA A 175 2.50 -20.66 20.01
N LEU A 176 2.86 -19.38 20.18
CA LEU A 176 2.07 -18.21 19.75
C LEU A 176 2.69 -17.63 18.51
N VAL A 177 1.85 -17.30 17.52
CA VAL A 177 2.31 -16.52 16.34
C VAL A 177 1.98 -15.04 16.51
N VAL A 178 2.97 -14.18 16.25
CA VAL A 178 2.78 -12.71 16.30
C VAL A 178 3.15 -12.08 14.94
N CYS A 179 2.35 -11.15 14.47
N CYS A 179 2.34 -11.16 14.45
CA CYS A 179 2.60 -10.41 13.23
CA CYS A 179 2.62 -10.41 13.22
C CYS A 179 2.65 -8.90 13.48
C CYS A 179 2.71 -8.93 13.57
N GLY A 180 3.68 -8.23 12.97
CA GLY A 180 3.79 -6.76 13.09
C GLY A 180 2.99 -5.99 12.06
N THR A 181 2.49 -4.81 12.45
CA THR A 181 1.78 -3.87 11.55
C THR A 181 2.00 -2.40 12.01
N TYR A 182 2.06 -1.44 11.08
CA TYR A 182 2.06 0.01 11.44
C TYR A 182 1.16 0.91 10.58
N SER A 183 0.37 0.27 9.72
CA SER A 183 -0.50 0.93 8.77
C SER A 183 -1.41 -0.13 8.13
N ILE A 184 -2.39 0.30 7.35
CA ILE A 184 -3.13 -0.62 6.51
C ILE A 184 -2.21 -1.14 5.38
N GLY A 185 -2.64 -2.24 4.77
CA GLY A 185 -1.84 -3.01 3.83
C GLY A 185 -1.29 -4.30 4.43
N LYS A 186 -1.05 -5.28 3.55
CA LYS A 186 -0.37 -6.54 3.89
C LYS A 186 -1.22 -7.42 4.83
N GLU A 187 -2.53 -7.20 4.82
CA GLU A 187 -3.46 -7.95 5.68
C GLU A 187 -3.41 -9.46 5.37
N LYS A 188 -3.10 -9.82 4.11
CA LYS A 188 -3.05 -11.26 3.73
C LYS A 188 -2.07 -12.05 4.61
N VAL A 189 -1.00 -11.42 5.08
CA VAL A 189 0.01 -12.13 5.89
C VAL A 189 -0.66 -12.76 7.13
N PHE A 190 -1.31 -11.93 7.94
CA PHE A 190 -1.89 -12.41 9.20
C PHE A 190 -3.20 -13.19 8.96
N LEU A 191 -4.00 -12.80 7.95
CA LEU A 191 -5.22 -13.53 7.64
C LEU A 191 -4.95 -14.97 7.17
N ALA A 192 -3.96 -15.16 6.28
CA ALA A 192 -3.61 -16.48 5.78
C ALA A 192 -3.06 -17.41 6.85
N ILE A 193 -2.24 -16.87 7.74
CA ILE A 193 -1.68 -17.70 8.83
C ILE A 193 -2.82 -18.11 9.78
N ALA A 194 -3.69 -17.17 10.16
CA ALA A 194 -4.80 -17.50 11.08
C ALA A 194 -5.74 -18.56 10.47
N ASP A 195 -5.98 -18.44 9.17
CA ASP A 195 -6.84 -19.40 8.45
C ASP A 195 -6.25 -20.83 8.48
N VAL A 196 -4.94 -20.99 8.23
CA VAL A 196 -4.34 -22.34 8.28
C VAL A 196 -4.35 -22.93 9.70
N LEU A 197 -4.27 -22.07 10.71
CA LEU A 197 -4.25 -22.51 12.10
C LEU A 197 -5.64 -22.65 12.74
N GLY A 198 -6.72 -22.35 12.02
CA GLY A 198 -8.07 -22.39 12.61
C GLY A 198 -8.33 -21.41 13.75
N SER A 199 -7.74 -20.21 13.66
CA SER A 199 -7.83 -19.20 14.71
C SER A 199 -8.32 -17.90 14.10
N LYS A 200 -8.91 -17.05 14.96
CA LYS A 200 -9.11 -15.64 14.64
C LYS A 200 -7.82 -14.89 14.95
N VAL A 201 -7.68 -13.70 14.38
CA VAL A 201 -6.55 -12.82 14.66
C VAL A 201 -6.94 -11.83 15.76
N GLY A 202 -6.19 -11.86 16.86
CA GLY A 202 -6.38 -10.96 18.01
C GLY A 202 -5.59 -9.67 17.91
N MET A 203 -6.23 -8.55 18.26
CA MET A 203 -5.62 -7.22 18.10
C MET A 203 -6.25 -6.20 19.04
N SER A 204 -5.61 -5.04 19.16
CA SER A 204 -6.16 -3.89 19.91
C SER A 204 -7.51 -3.39 19.37
N GLN A 205 -8.24 -2.67 20.20
CA GLN A 205 -9.47 -2.02 19.76
C GLN A 205 -9.25 -1.06 18.58
N GLU A 206 -8.15 -0.31 18.62
CA GLU A 206 -7.83 0.69 17.57
C GLU A 206 -7.58 -0.01 16.23
N LYS A 207 -6.80 -1.10 16.24
CA LYS A 207 -6.54 -1.83 14.98
C LYS A 207 -7.81 -2.55 14.47
N TYR A 208 -8.62 -3.11 15.38
CA TYR A 208 -9.89 -3.72 15.00
C TYR A 208 -10.79 -2.71 14.28
N LYS A 209 -10.88 -1.49 14.82
CA LYS A 209 -11.66 -0.41 14.21
C LYS A 209 -11.22 -0.15 12.77
N THR A 210 -9.91 -0.04 12.58
CA THR A 210 -9.34 0.21 11.25
C THR A 210 -9.74 -0.91 10.27
N LEU A 211 -9.57 -2.16 10.69
CA LEU A 211 -9.95 -3.29 9.83
C LEU A 211 -11.45 -3.35 9.49
N GLN A 212 -12.31 -2.96 10.44
CA GLN A 212 -13.77 -2.91 10.18
C GLN A 212 -14.17 -1.89 9.07
N CYS A 213 -13.32 -0.92 8.77
CA CYS A 213 -13.55 0.05 7.67
C CYS A 213 -13.24 -0.46 6.22
N LEU A 214 -12.63 -1.63 6.08
CA LEU A 214 -12.03 -2.12 4.81
C LEU A 214 -12.84 -2.99 3.78
N ASN A 215 -14.12 -3.21 4.00
CA ASN A 215 -14.95 -4.09 3.14
C ASN A 215 -14.36 -5.49 2.79
N ILE A 216 -13.66 -6.11 3.74
CA ILE A 216 -13.15 -7.45 3.53
C ILE A 216 -14.31 -8.41 3.82
N PRO A 217 -14.66 -9.29 2.84
CA PRO A 217 -15.70 -10.31 3.01
C PRO A 217 -15.49 -11.20 4.23
N GLU A 218 -16.56 -11.42 4.98
CA GLU A 218 -16.59 -12.31 6.13
C GLU A 218 -15.60 -11.91 7.25
N ILE A 219 -15.29 -10.62 7.37
CA ILE A 219 -14.28 -10.14 8.35
C ILE A 219 -14.67 -10.45 9.81
N ASN A 220 -15.93 -10.32 10.18
CA ASN A 220 -16.37 -10.69 11.55
C ASN A 220 -15.96 -12.15 11.91
N SER A 221 -15.90 -13.02 10.90
CA SER A 221 -15.43 -14.39 11.08
C SER A 221 -13.90 -14.52 11.26
N LEU A 222 -13.11 -13.47 10.98
CA LEU A 222 -11.63 -13.59 10.94
C LEU A 222 -10.81 -12.84 12.02
N ILE A 223 -11.39 -11.80 12.63
CA ILE A 223 -10.65 -10.93 13.57
C ILE A 223 -11.41 -10.78 14.88
N THR A 224 -10.70 -10.40 15.93
CA THR A 224 -11.29 -10.26 17.28
C THR A 224 -10.45 -9.36 18.20
N THR A 225 -11.12 -8.78 19.21
CA THR A 225 -10.43 -8.06 20.29
C THR A 225 -10.13 -8.95 21.51
N ASP A 226 -10.63 -10.19 21.50
CA ASP A 226 -10.42 -11.11 22.62
C ASP A 226 -9.11 -11.86 22.41
N MET A 227 -8.03 -11.33 22.98
CA MET A 227 -6.68 -11.87 22.78
C MET A 227 -6.58 -13.32 23.28
N CYS A 228 -7.28 -13.63 24.38
CA CYS A 228 -7.25 -14.96 24.99
C CYS A 228 -7.80 -16.08 24.12
N SER A 229 -8.73 -15.76 23.22
CA SER A 229 -9.31 -16.75 22.30
C SER A 229 -8.45 -17.03 21.05
N SER A 230 -7.40 -16.24 20.85
CA SER A 230 -6.66 -16.22 19.58
C SER A 230 -5.22 -16.73 19.74
N LEU A 231 -4.69 -17.49 18.77
CA LEU A 231 -3.24 -17.83 18.78
C LEU A 231 -2.42 -17.18 17.65
N VAL A 232 -3.03 -16.19 17.00
CA VAL A 232 -2.32 -15.26 16.11
C VAL A 232 -2.61 -13.85 16.62
N HIS A 233 -1.58 -13.18 17.13
CA HIS A 233 -1.74 -11.79 17.63
C HIS A 233 -1.08 -10.76 16.74
N LEU A 234 -1.72 -9.59 16.59
CA LEU A 234 -1.11 -8.44 15.92
C LEU A 234 -0.60 -7.44 16.93
N LEU A 235 0.62 -6.97 16.71
CA LEU A 235 1.24 -5.93 17.52
C LEU A 235 1.84 -4.83 16.62
N PRO A 236 2.05 -3.61 17.19
CA PRO A 236 2.80 -2.59 16.46
C PRO A 236 4.16 -3.09 15.99
N MET A 237 4.56 -2.69 14.80
CA MET A 237 5.84 -3.11 14.20
C MET A 237 7.03 -2.84 15.12
N MET A 238 6.99 -1.70 15.83
CA MET A 238 8.01 -1.35 16.81
C MET A 238 8.27 -2.33 17.94
N GLN A 239 7.27 -3.16 18.26
CA GLN A 239 7.39 -4.17 19.30
C GLN A 239 7.93 -5.52 18.80
N ILE A 240 8.16 -5.66 17.49
CA ILE A 240 8.64 -6.95 16.94
C ILE A 240 10.17 -7.01 17.07
N ASN A 241 10.60 -7.30 18.29
CA ASN A 241 12.02 -7.41 18.67
C ASN A 241 12.07 -8.29 19.92
N PHE A 242 13.26 -8.76 20.30
CA PHE A 242 13.34 -9.72 21.41
C PHE A 242 12.77 -9.19 22.74
N LYS A 243 13.10 -7.95 23.08
CA LYS A 243 12.57 -7.29 24.30
C LYS A 243 11.04 -7.19 24.30
N GLY A 244 10.50 -6.66 23.21
CA GLY A 244 9.06 -6.42 23.14
C GLY A 244 8.25 -7.71 23.09
N LEU A 245 8.80 -8.74 22.47
CA LEU A 245 8.12 -10.04 22.38
C LEU A 245 8.21 -10.83 23.71
N GLN A 246 9.37 -10.75 24.38
CA GLN A 246 9.53 -11.26 25.76
C GLN A 246 8.48 -10.67 26.70
N SER A 247 8.30 -9.36 26.61
CA SER A 247 7.30 -8.66 27.41
C SER A 247 5.89 -9.12 27.09
N HIS A 248 5.57 -9.28 25.80
CA HIS A 248 4.26 -9.78 25.39
C HIS A 248 3.97 -11.20 25.93
N LEU A 249 4.96 -12.09 25.84
CA LEU A 249 4.80 -13.46 26.30
C LEU A 249 4.47 -13.53 27.80
N LYS A 250 5.08 -12.66 28.59
CA LYS A 250 4.74 -12.53 30.02
C LYS A 250 3.25 -12.29 30.23
N LYS A 251 2.69 -11.36 29.45
CA LYS A 251 1.28 -10.98 29.57
C LYS A 251 0.27 -12.09 29.27
N CYS A 252 0.70 -13.17 28.62
CA CYS A 252 -0.23 -14.21 28.17
C CYS A 252 -0.51 -15.31 29.22
N GLY A 253 -0.05 -15.11 30.46
CA GLY A 253 -0.48 -15.93 31.60
C GLY A 253 -0.13 -17.41 31.55
N GLY A 254 1.01 -17.74 30.95
CA GLY A 254 1.47 -19.14 30.88
C GLY A 254 0.69 -20.03 29.92
N LYS A 255 -0.02 -19.43 28.98
CA LYS A 255 -0.71 -20.18 27.93
C LYS A 255 0.30 -20.67 26.86
N TYR A 256 1.37 -19.89 26.66
CA TYR A 256 2.36 -20.16 25.62
C TYR A 256 3.77 -20.24 26.17
N ASN A 257 4.63 -20.98 25.46
CA ASN A 257 6.04 -21.14 25.84
C ASN A 257 7.05 -20.91 24.70
N GLN A 258 6.58 -20.29 23.62
CA GLN A 258 7.36 -20.04 22.39
C GLN A 258 6.63 -18.96 21.57
N ILE A 259 7.39 -18.07 20.92
CA ILE A 259 6.85 -17.11 19.94
C ILE A 259 7.55 -17.26 18.59
N LEU A 260 6.72 -17.36 17.55
CA LEU A 260 7.15 -17.23 16.17
C LEU A 260 6.57 -15.90 15.69
N ALA A 261 7.42 -14.97 15.24
CA ALA A 261 6.98 -13.65 14.81
C ALA A 261 7.39 -13.34 13.36
N PHE A 262 6.56 -12.55 12.68
CA PHE A 262 6.82 -12.10 11.31
C PHE A 262 6.84 -10.57 11.22
N ARG A 263 7.87 -10.05 10.55
CA ARG A 263 8.01 -8.60 10.21
C ARG A 263 7.91 -8.50 8.70
N PRO A 264 6.74 -8.11 8.16
CA PRO A 264 6.66 -7.90 6.73
C PRO A 264 7.27 -6.52 6.45
N THR A 265 8.40 -6.55 5.77
CA THR A 265 9.10 -5.36 5.35
C THR A 265 8.84 -5.17 3.87
N GLY A 266 9.41 -4.12 3.30
CA GLY A 266 9.59 -4.08 1.85
C GLY A 266 10.85 -4.86 1.48
N TRP A 267 11.53 -4.37 0.45
CA TRP A 267 12.85 -4.85 0.10
C TRP A 267 13.84 -4.59 1.23
N THR A 268 14.75 -5.56 1.41
CA THR A 268 15.95 -5.39 2.25
C THR A 268 17.17 -5.94 1.49
N HIS A 269 18.37 -5.48 1.82
CA HIS A 269 19.63 -5.98 1.21
C HIS A 269 19.84 -7.50 1.17
N SER A 270 19.29 -8.26 2.12
CA SER A 270 19.35 -9.75 2.02
C SER A 270 18.57 -10.37 0.82
N ASN A 271 17.74 -9.58 0.12
CA ASN A 271 17.13 -10.01 -1.18
C ASN A 271 18.15 -10.21 -2.31
N LYS A 272 19.29 -9.52 -2.24
CA LYS A 272 20.38 -9.67 -3.22
C LYS A 272 21.11 -11.02 -3.14
N PHE A 273 21.02 -11.69 -1.98
CA PHE A 273 21.72 -12.97 -1.73
C PHE A 273 20.82 -14.20 -1.64
N THR A 274 19.65 -14.05 -1.02
CA THR A 274 18.86 -15.19 -0.51
C THR A 274 17.50 -15.33 -1.22
N ARG A 275 17.19 -16.56 -1.65
CA ARG A 275 15.86 -16.92 -2.17
C ARG A 275 14.86 -17.08 -1.03
N ILE A 276 13.58 -16.87 -1.33
CA ILE A 276 12.51 -16.94 -0.31
C ILE A 276 12.51 -18.28 0.43
N ALA A 277 12.70 -19.36 -0.33
CA ALA A 277 12.80 -20.72 0.24
C ALA A 277 13.92 -20.88 1.28
N ASP A 278 15.01 -20.13 1.11
CA ASP A 278 16.19 -20.22 1.98
C ASP A 278 16.18 -19.30 3.21
N VAL A 279 15.15 -18.44 3.34
CA VAL A 279 15.08 -17.47 4.45
C VAL A 279 15.06 -18.14 5.84
N ILE A 280 15.87 -17.60 6.76
CA ILE A 280 15.98 -18.09 8.14
C ILE A 280 15.71 -16.96 9.12
N PRO A 281 15.26 -17.32 10.35
CA PRO A 281 14.97 -16.28 11.33
C PRO A 281 16.17 -15.88 12.14
N GLN A 282 16.01 -14.79 12.89
CA GLN A 282 16.85 -14.48 14.05
C GLN A 282 16.22 -15.10 15.29
N THR A 283 17.02 -15.77 16.11
CA THR A 283 16.51 -16.51 17.27
C THR A 283 17.27 -16.17 18.55
N LYS A 284 16.52 -16.02 19.65
CA LYS A 284 17.08 -15.88 21.00
C LYS A 284 16.17 -16.65 21.96
N GLY A 285 16.68 -17.75 22.51
CA GLY A 285 15.91 -18.56 23.41
C GLY A 285 14.67 -19.11 22.73
N ASN A 286 13.50 -18.86 23.33
CA ASN A 286 12.22 -19.38 22.81
C ASN A 286 11.50 -18.40 21.84
N ILE A 287 12.22 -17.43 21.27
CA ILE A 287 11.65 -16.45 20.34
C ILE A 287 12.40 -16.48 19.01
N SER A 288 11.65 -16.55 17.90
CA SER A 288 12.22 -16.50 16.55
C SER A 288 11.49 -15.41 15.74
N ILE A 289 12.26 -14.61 14.99
CA ILE A 289 11.70 -13.49 14.17
C ILE A 289 12.12 -13.64 12.70
N TYR A 290 11.13 -13.73 11.80
CA TYR A 290 11.32 -13.80 10.37
C TYR A 290 11.02 -12.44 9.74
N GLY A 291 11.95 -11.96 8.93
CA GLY A 291 11.70 -10.81 8.03
C GLY A 291 11.29 -11.37 6.69
N ILE A 292 10.09 -11.01 6.21
CA ILE A 292 9.59 -11.54 4.94
C ILE A 292 9.35 -10.38 3.95
N PRO A 293 9.82 -10.54 2.69
CA PRO A 293 9.78 -9.41 1.74
C PRO A 293 8.43 -9.31 1.02
N TYR A 294 7.38 -8.96 1.76
CA TYR A 294 6.05 -8.78 1.21
C TYR A 294 5.92 -7.32 0.74
N SER A 295 5.99 -7.11 -0.59
CA SER A 295 5.92 -5.72 -1.14
C SER A 295 4.59 -5.38 -1.70
N GLU A 296 4.12 -4.15 -1.40
CA GLU A 296 2.94 -3.55 -2.08
C GLU A 296 3.35 -2.42 -3.08
N HIS A 297 4.64 -2.42 -3.48
CA HIS A 297 5.13 -1.54 -4.56
C HIS A 297 5.76 -2.41 -5.68
N SER A 298 5.70 -1.89 -6.93
CA SER A 298 6.32 -2.57 -8.09
C SER A 298 7.79 -2.91 -7.84
N SER A 299 8.20 -4.14 -8.21
CA SER A 299 9.63 -4.40 -8.45
C SER A 299 10.11 -3.57 -9.67
N TYR A 300 11.44 -3.44 -9.83
CA TYR A 300 11.96 -2.80 -11.03
C TYR A 300 11.42 -3.43 -12.32
N LEU A 301 11.42 -4.76 -12.41
CA LEU A 301 10.97 -5.43 -13.64
C LEU A 301 9.45 -5.24 -13.91
N GLU A 302 8.62 -5.29 -12.85
CA GLU A 302 7.18 -5.01 -12.96
C GLU A 302 6.90 -3.59 -13.45
N MET A 303 7.61 -2.62 -12.87
CA MET A 303 7.53 -1.19 -13.27
C MET A 303 7.88 -0.99 -14.75
N LYS A 304 9.04 -1.55 -15.13
CA LYS A 304 9.50 -1.48 -16.52
C LYS A 304 8.50 -2.05 -17.52
N ARG A 305 7.94 -3.22 -17.20
CA ARG A 305 6.95 -3.86 -18.10
C ARG A 305 5.71 -2.97 -18.27
N PHE A 306 5.19 -2.43 -17.16
CA PHE A 306 4.01 -1.54 -17.23
C PHE A 306 4.26 -0.29 -18.09
N VAL A 307 5.40 0.36 -17.88
CA VAL A 307 5.70 1.61 -18.59
C VAL A 307 5.95 1.35 -20.07
N GLN A 308 6.67 0.25 -20.39
CA GLN A 308 6.93 -0.11 -21.82
C GLN A 308 5.65 -0.53 -22.54
N TRP A 309 4.68 -1.10 -21.81
CA TRP A 309 3.31 -1.36 -22.35
C TRP A 309 2.50 -0.06 -22.60
N LEU A 310 2.46 0.81 -21.60
CA LEU A 310 1.68 2.05 -21.63
C LEU A 310 2.21 3.06 -22.68
N LYS A 311 3.54 3.15 -22.85
CA LYS A 311 4.19 4.07 -23.81
C LYS A 311 3.78 5.55 -23.61
N PRO A 312 3.96 6.09 -22.38
CA PRO A 312 3.64 7.49 -22.12
C PRO A 312 4.59 8.44 -22.85
N GLN A 313 4.12 9.64 -23.19
CA GLN A 313 4.99 10.66 -23.82
C GLN A 313 5.94 11.34 -22.84
N LYS A 314 5.52 11.48 -21.57
CA LYS A 314 6.32 12.13 -20.52
C LYS A 314 6.05 11.38 -19.21
N ILE A 315 7.09 11.18 -18.41
CA ILE A 315 7.00 10.60 -17.07
C ILE A 315 7.43 11.62 -16.01
N ILE A 316 6.61 11.75 -14.96
CA ILE A 316 6.89 12.59 -13.79
C ILE A 316 6.97 11.64 -12.58
N PRO A 317 8.18 11.39 -12.06
CA PRO A 317 8.29 10.58 -10.82
C PRO A 317 7.67 11.28 -9.60
N THR A 318 7.07 10.49 -8.70
CA THR A 318 6.50 11.02 -7.44
C THR A 318 7.25 10.52 -6.19
N VAL A 319 8.27 9.66 -6.35
CA VAL A 319 9.05 9.11 -5.22
C VAL A 319 10.56 9.18 -5.59
N ASN A 320 11.39 9.43 -4.58
CA ASN A 320 12.83 9.60 -4.74
C ASN A 320 13.16 10.86 -5.54
N VAL A 321 12.37 11.90 -5.35
CA VAL A 321 12.55 13.15 -6.11
C VAL A 321 13.50 14.17 -5.46
N GLY A 322 13.98 13.88 -4.26
CA GLY A 322 14.72 14.88 -3.46
C GLY A 322 16.20 15.01 -3.73
N THR A 323 16.83 14.08 -4.45
CA THR A 323 18.29 14.17 -4.75
C THR A 323 18.59 14.20 -6.24
N TRP A 324 19.68 14.87 -6.62
CA TRP A 324 20.03 14.93 -8.02
C TRP A 324 20.46 13.55 -8.52
N LYS A 325 21.15 12.79 -7.68
CA LYS A 325 21.57 11.42 -8.03
C LYS A 325 20.36 10.53 -8.35
N SER A 326 19.33 10.55 -7.49
CA SER A 326 18.12 9.77 -7.72
C SER A 326 17.41 10.18 -8.99
N ARG A 327 17.27 11.50 -9.17
CA ARG A 327 16.57 12.02 -10.36
C ARG A 327 17.32 11.63 -11.66
N SER A 328 18.64 11.74 -11.68
CA SER A 328 19.45 11.37 -12.87
C SER A 328 19.39 9.86 -13.17
N THR A 329 19.49 9.06 -12.13
CA THR A 329 19.34 7.58 -12.26
C THR A 329 17.98 7.21 -12.89
N MET A 330 16.89 7.77 -12.36
CA MET A 330 15.55 7.44 -12.89
C MET A 330 15.38 7.85 -14.36
N GLU A 331 15.83 9.06 -14.68
N GLU A 331 15.81 9.06 -14.70
CA GLU A 331 15.78 9.58 -16.06
CA GLU A 331 15.74 9.53 -16.09
C GLU A 331 16.56 8.70 -17.06
C GLU A 331 16.54 8.65 -17.05
N LYS A 332 17.71 8.17 -16.63
CA LYS A 332 18.48 7.21 -17.47
C LYS A 332 17.73 5.93 -17.74
N TYR A 333 17.06 5.39 -16.72
CA TYR A 333 16.22 4.20 -16.93
C TYR A 333 15.04 4.47 -17.86
N PHE A 334 14.38 5.62 -17.70
CA PHE A 334 13.23 5.92 -18.58
C PHE A 334 13.69 5.96 -20.04
N ARG A 335 14.88 6.53 -20.29
CA ARG A 335 15.42 6.61 -21.67
C ARG A 335 15.80 5.24 -22.22
N GLU A 336 16.42 4.40 -21.38
N GLU A 336 16.39 4.40 -21.36
CA GLU A 336 16.68 3.02 -21.80
CA GLU A 336 16.70 3.03 -21.73
C GLU A 336 15.38 2.35 -22.22
C GLU A 336 15.45 2.23 -22.10
N TRP A 337 14.35 2.45 -21.38
CA TRP A 337 13.09 1.73 -21.64
C TRP A 337 12.46 2.16 -22.96
N LYS A 338 12.49 3.46 -23.21
CA LYS A 338 11.95 4.05 -24.45
C LYS A 338 12.72 3.60 -25.69
N LEU A 339 14.06 3.62 -25.62
CA LEU A 339 14.91 3.17 -26.75
C LEU A 339 14.76 1.66 -27.03
N GLU A 340 14.69 0.82 -25.99
CA GLU A 340 14.49 -0.62 -26.16
C GLU A 340 13.13 -0.93 -26.85
N ALA A 341 12.07 -0.25 -26.40
CA ALA A 341 10.71 -0.52 -26.89
C ALA A 341 10.31 0.28 -28.13
N GLY A 342 10.99 1.37 -28.46
CA GLY A 342 10.72 2.13 -29.70
C GLY A 342 9.68 3.25 -29.68
N TYR A 343 9.16 3.62 -28.52
CA TYR A 343 8.15 4.71 -28.42
C TYR A 343 8.81 6.08 -28.28
C1 MLI B . 4.03 4.12 2.52
C2 MLI B . 4.15 3.04 1.49
C3 MLI B . 3.42 5.42 2.02
O6 MLI B . 5.18 2.37 1.42
O7 MLI B . 3.17 2.81 0.75
O8 MLI B . 3.92 6.49 2.42
O9 MLI B . 2.40 5.36 1.27
NI NI C . 1.43 3.85 0.31
N1 AWD D . 0.16 26.92 -15.83
N3 AWD D . -1.95 24.80 -11.89
C4 AWD D . 0.04 25.59 -13.76
C5 AWD D . 0.88 25.94 -14.96
C6 AWD D . -2.30 24.82 -13.23
C7 AWD D . -2.79 24.26 -10.87
C8 AWD D . -3.01 24.95 -9.67
C10 AWD D . -4.40 23.18 -8.93
C1 AWD D . 1.02 27.40 -16.94
C2 AWD D . -1.15 26.36 -16.31
C3 AWD D . -1.56 25.11 -15.57
N2 AWD D . -1.32 25.17 -14.11
O1 AWD D . -3.42 24.50 -13.60
C9 AWD D . -3.82 24.40 -8.69
C11 AWD D . -4.23 22.50 -10.10
C12 AWD D . -3.39 23.03 -11.06
F1 AWD D . -5.22 22.64 -7.98
#